data_5Y16
#
_entry.id   5Y16
#
_cell.length_a   79.341
_cell.length_b   79.341
_cell.length_c   90.549
_cell.angle_alpha   90.00
_cell.angle_beta   90.00
_cell.angle_gamma   120.00
#
_symmetry.space_group_name_H-M   'P 31 2 1'
#
loop_
_entity.id
_entity.type
_entity.pdbx_description
1 polymer 'Dual specificity phosphatase 28'
2 non-polymer 'PHOSPHATE ION'
3 non-polymer 'CHLORIDE ION'
4 water water
#
_entity_poly.entity_id   1
_entity_poly.type   'polypeptide(L)'
_entity_poly.pdbx_seq_one_letter_code
;MGSSHHHHHHSSGLVPRGSHMMGPAEAGRRGAASPVPPPLVRVAPSLFLGSARAAGAEEQLARAGVTLCVNVSRQQPGPQ
APGVAELRVPVFDDPAEDLLAHLEPTCAAMEAAVRAGGACLVHSKNGRSRSAAVCTAYLMRHRGLSLAKAFQMVKSARPV
AEPNPGFWSQLQKYEEALQAQSCLQGEPPALGLGPEA
;
_entity_poly.pdbx_strand_id   A,B
#
loop_
_chem_comp.id
_chem_comp.type
_chem_comp.name
_chem_comp.formula
CL non-polymer 'CHLORIDE ION' 'Cl -1'
PO4 non-polymer 'PHOSPHATE ION' 'O4 P -3'
#
# COMPACT_ATOMS: atom_id res chain seq x y z
N SER A 34 -20.49 8.46 17.51
CA SER A 34 -19.14 9.00 17.55
C SER A 34 -18.12 8.00 18.14
N PRO A 35 -16.91 7.95 17.56
CA PRO A 35 -15.97 6.86 17.87
C PRO A 35 -15.27 6.97 19.21
N VAL A 36 -14.99 5.81 19.81
CA VAL A 36 -14.36 5.69 21.14
C VAL A 36 -12.97 6.30 21.10
N PRO A 37 -12.61 7.19 22.05
CA PRO A 37 -11.26 7.76 22.09
C PRO A 37 -10.26 6.80 22.77
N PRO A 38 -8.95 7.01 22.62
CA PRO A 38 -8.19 8.06 21.93
C PRO A 38 -8.28 7.97 20.40
N PRO A 39 -7.60 8.91 19.67
CA PRO A 39 -7.56 8.78 18.20
C PRO A 39 -6.54 7.74 17.77
N LEU A 40 -5.38 7.71 18.43
CA LEU A 40 -4.31 6.75 18.18
C LEU A 40 -4.02 5.92 19.42
N VAL A 41 -3.92 4.60 19.26
CA VAL A 41 -3.36 3.77 20.31
C VAL A 41 -2.21 2.96 19.74
N ARG A 42 -1.16 2.80 20.55
CA ARG A 42 -0.03 1.93 20.22
C ARG A 42 -0.42 0.49 20.46
N VAL A 43 -0.27 -0.36 19.45
CA VAL A 43 -0.64 -1.75 19.60
C VAL A 43 0.61 -2.58 19.88
N ALA A 44 1.72 -2.14 19.31
CA ALA A 44 3.01 -2.83 19.31
C ALA A 44 4.02 -1.83 18.76
N PRO A 45 5.32 -2.06 18.95
CA PRO A 45 6.30 -1.09 18.42
C PRO A 45 6.01 -0.78 16.94
N SER A 46 6.04 0.50 16.61
CA SER A 46 5.76 1.03 15.27
C SER A 46 4.39 0.64 14.72
N LEU A 47 3.43 0.23 15.55
CA LEU A 47 2.11 -0.15 15.07
C LEU A 47 1.03 0.58 15.87
N PHE A 48 0.22 1.39 15.19
CA PHE A 48 -0.84 2.17 15.83
C PHE A 48 -2.19 1.88 15.21
N LEU A 49 -3.21 1.77 16.04
CA LEU A 49 -4.60 1.65 15.60
C LEU A 49 -5.35 2.99 15.73
N GLY A 50 -6.31 3.21 14.85
CA GLY A 50 -7.03 4.47 14.81
C GLY A 50 -8.50 4.30 14.52
N SER A 51 -9.31 5.19 15.10
CA SER A 51 -10.68 5.36 14.63
C SER A 51 -10.73 6.53 13.67
N ALA A 52 -11.94 6.90 13.27
CA ALA A 52 -12.15 8.06 12.40
C ALA A 52 -11.53 9.31 12.98
N ARG A 53 -11.49 9.44 14.31
CA ARG A 53 -10.96 10.67 14.88
C ARG A 53 -9.48 10.85 14.59
N ALA A 54 -8.79 9.81 14.13
CA ALA A 54 -7.41 9.98 13.68
C ALA A 54 -7.32 10.71 12.34
N ALA A 55 -8.44 11.07 11.71
CA ALA A 55 -8.37 11.83 10.47
C ALA A 55 -7.88 13.25 10.69
N GLY A 56 -8.04 13.79 11.90
CA GLY A 56 -7.52 15.12 12.19
C GLY A 56 -6.46 15.14 13.26
N ALA A 57 -5.63 14.09 13.33
CA ALA A 57 -4.57 13.98 14.33
C ALA A 57 -3.19 14.01 13.67
N GLU A 58 -3.00 14.90 12.70
CA GLU A 58 -1.75 14.97 11.94
C GLU A 58 -0.54 15.16 12.87
N GLU A 59 -0.71 15.89 13.98
CA GLU A 59 0.39 16.14 14.89
C GLU A 59 0.79 14.88 15.65
N GLN A 60 -0.20 14.11 16.09
CA GLN A 60 0.10 12.87 16.80
C GLN A 60 0.81 11.89 15.89
N LEU A 61 0.33 11.78 14.64
CA LEU A 61 1.05 11.01 13.62
C LEU A 61 2.51 11.41 13.56
N ALA A 62 2.77 12.70 13.40
CA ALA A 62 4.16 13.14 13.21
C ALA A 62 5.00 12.81 14.43
N ARG A 63 4.42 12.94 15.63
CA ARG A 63 5.13 12.52 16.84
C ARG A 63 5.57 11.07 16.72
N ALA A 64 4.61 10.18 16.49
CA ALA A 64 4.79 8.75 16.40
C ALA A 64 5.51 8.33 15.20
N GLY A 65 6.12 9.25 14.47
CA GLY A 65 6.87 8.87 13.27
C GLY A 65 6.15 7.93 12.32
N VAL A 66 4.85 8.14 12.08
CA VAL A 66 4.12 7.31 11.15
C VAL A 66 4.49 7.68 9.72
N THR A 67 4.86 6.69 8.91
CA THR A 67 5.20 6.93 7.51
C THR A 67 4.23 6.26 6.55
N LEU A 68 3.26 5.51 7.05
CA LEU A 68 2.29 4.86 6.20
C LEU A 68 0.98 4.78 6.96
N CYS A 69 -0.08 5.27 6.35
CA CYS A 69 -1.42 5.06 6.85
C CYS A 69 -2.07 3.93 6.06
N VAL A 70 -2.80 3.08 6.77
CA VAL A 70 -3.54 2.00 6.15
C VAL A 70 -5.00 2.29 6.47
N ASN A 71 -5.70 2.84 5.49
CA ASN A 71 -7.09 3.22 5.60
C ASN A 71 -7.90 2.00 5.20
N VAL A 72 -8.62 1.40 6.16
CA VAL A 72 -9.36 0.18 5.87
C VAL A 72 -10.83 0.53 5.76
N SER A 73 -11.20 1.15 4.64
CA SER A 73 -12.58 1.56 4.37
C SER A 73 -12.72 1.93 2.90
N ARG A 74 -13.94 1.82 2.39
CA ARG A 74 -14.24 2.37 1.09
C ARG A 74 -14.44 3.88 1.13
N GLN A 75 -14.96 4.40 2.24
CA GLN A 75 -15.45 5.77 2.25
C GLN A 75 -14.72 6.70 3.21
N GLN A 76 -13.91 6.19 4.16
CA GLN A 76 -13.36 7.10 5.15
C GLN A 76 -12.21 7.92 4.57
N PRO A 77 -12.00 9.13 5.09
CA PRO A 77 -10.80 9.88 4.77
C PRO A 77 -9.67 9.55 5.75
N GLY A 78 -8.44 9.85 5.31
CA GLY A 78 -7.29 9.70 6.18
C GLY A 78 -6.76 11.05 6.59
N PRO A 79 -5.82 11.06 7.54
CA PRO A 79 -5.15 12.32 7.88
C PRO A 79 -4.38 12.85 6.69
N GLN A 80 -4.28 14.18 6.60
CA GLN A 80 -3.48 14.79 5.55
C GLN A 80 -2.08 15.04 6.12
N ALA A 81 -1.32 13.96 6.21
CA ALA A 81 0.07 13.99 6.67
C ALA A 81 0.98 14.20 5.48
N PRO A 82 1.87 15.19 5.55
CA PRO A 82 2.68 15.53 4.37
C PRO A 82 3.53 14.35 3.94
N GLY A 83 3.46 14.05 2.64
CA GLY A 83 4.29 13.01 2.05
C GLY A 83 4.32 11.68 2.77
N VAL A 84 3.27 11.39 3.54
CA VAL A 84 3.07 10.08 4.15
C VAL A 84 2.22 9.25 3.20
N ALA A 85 2.67 8.02 2.90
CA ALA A 85 1.94 7.20 1.96
C ALA A 85 0.64 6.73 2.60
N GLU A 86 -0.35 6.48 1.74
CA GLU A 86 -1.64 5.97 2.18
C GLU A 86 -1.97 4.74 1.37
N LEU A 87 -2.37 3.68 2.05
CA LEU A 87 -2.86 2.47 1.41
C LEU A 87 -4.30 2.31 1.82
N ARG A 88 -5.20 2.23 0.84
CA ARG A 88 -6.61 2.03 1.13
C ARG A 88 -6.93 0.58 0.84
N VAL A 89 -7.55 -0.07 1.83
CA VAL A 89 -8.03 -1.44 1.72
C VAL A 89 -9.54 -1.34 1.68
N PRO A 90 -10.15 -1.41 0.52
CA PRO A 90 -11.54 -0.96 0.35
C PRO A 90 -12.56 -2.02 0.74
N VAL A 91 -13.05 -1.94 1.97
CA VAL A 91 -14.08 -2.85 2.45
C VAL A 91 -14.97 -2.09 3.41
N PHE A 92 -16.25 -2.41 3.39
CA PHE A 92 -17.15 -2.01 4.45
C PHE A 92 -16.93 -2.88 5.67
N ASP A 93 -17.34 -2.38 6.83
CA ASP A 93 -17.35 -3.25 8.00
C ASP A 93 -18.53 -4.20 7.87
N ASP A 94 -18.37 -5.21 6.99
CA ASP A 94 -19.46 -6.17 6.73
C ASP A 94 -18.95 -7.60 6.61
N PRO A 95 -19.58 -8.55 7.29
CA PRO A 95 -19.04 -9.92 7.33
C PRO A 95 -18.90 -10.58 5.98
N ALA A 96 -19.49 -10.03 4.93
CA ALA A 96 -19.32 -10.60 3.60
C ALA A 96 -18.14 -10.00 2.84
N GLU A 97 -17.61 -8.86 3.27
CA GLU A 97 -16.44 -8.28 2.62
C GLU A 97 -15.26 -9.24 2.74
N ASP A 98 -14.46 -9.31 1.68
CA ASP A 98 -13.31 -10.20 1.62
C ASP A 98 -12.08 -9.37 1.99
N LEU A 99 -11.74 -9.37 3.27
CA LEU A 99 -10.53 -8.66 3.69
C LEU A 99 -9.31 -9.54 3.45
N LEU A 100 -9.45 -10.84 3.68
CA LEU A 100 -8.42 -11.84 3.46
C LEU A 100 -7.64 -11.61 2.16
N ALA A 101 -8.36 -11.24 1.10
CA ALA A 101 -7.74 -11.07 -0.19
C ALA A 101 -6.70 -9.96 -0.20
N HIS A 102 -6.81 -9.00 0.71
CA HIS A 102 -5.94 -7.82 0.72
C HIS A 102 -4.79 -7.92 1.72
N LEU A 103 -4.73 -8.97 2.54
CA LEU A 103 -3.81 -8.95 3.66
C LEU A 103 -2.34 -8.93 3.20
N GLU A 104 -2.01 -9.70 2.15
CA GLU A 104 -0.60 -9.81 1.77
C GLU A 104 -0.02 -8.48 1.30
N PRO A 105 -0.54 -7.81 0.27
CA PRO A 105 0.02 -6.48 -0.03
C PRO A 105 -0.11 -5.48 1.13
N THR A 106 -1.20 -5.57 1.91
CA THR A 106 -1.32 -4.72 3.09
C THR A 106 -0.23 -5.03 4.11
N CYS A 107 -0.10 -6.29 4.48
CA CYS A 107 0.92 -6.62 5.47
C CYS A 107 2.33 -6.34 4.94
N ALA A 108 2.55 -6.52 3.64
CA ALA A 108 3.87 -6.25 3.05
C ALA A 108 4.21 -4.77 3.07
N ALA A 109 3.27 -3.91 2.72
CA ALA A 109 3.52 -2.48 2.79
C ALA A 109 3.86 -2.06 4.21
N MET A 110 3.16 -2.63 5.19
CA MET A 110 3.38 -2.22 6.58
C MET A 110 4.77 -2.61 7.03
N GLU A 111 5.17 -3.84 6.76
CA GLU A 111 6.51 -4.30 7.16
C GLU A 111 7.60 -3.46 6.51
N ALA A 112 7.49 -3.22 5.19
CA ALA A 112 8.52 -2.43 4.55
C ALA A 112 8.64 -1.04 5.17
N ALA A 113 7.53 -0.47 5.63
CA ALA A 113 7.59 0.83 6.29
C ALA A 113 8.28 0.74 7.64
N VAL A 114 7.98 -0.32 8.39
CA VAL A 114 8.62 -0.53 9.68
C VAL A 114 10.11 -0.86 9.51
N ARG A 115 10.42 -1.78 8.59
CA ARG A 115 11.80 -2.14 8.35
C ARG A 115 12.63 -0.91 7.95
N ALA A 116 12.05 -0.01 7.18
CA ALA A 116 12.68 1.25 6.82
C ALA A 116 12.83 2.20 7.99
N GLY A 117 12.35 1.85 9.18
CA GLY A 117 12.47 2.72 10.32
C GLY A 117 11.27 3.60 10.58
N GLY A 118 10.15 3.35 9.92
CA GLY A 118 8.95 4.13 10.08
C GLY A 118 7.97 3.46 11.03
N ALA A 119 6.74 3.97 11.01
CA ALA A 119 5.66 3.42 11.81
C ALA A 119 4.41 3.39 10.97
N CYS A 120 3.47 2.50 11.34
CA CYS A 120 2.22 2.34 10.61
C CYS A 120 1.06 2.78 11.48
N LEU A 121 0.08 3.45 10.84
CA LEU A 121 -1.21 3.74 11.45
C LEU A 121 -2.30 3.05 10.63
N VAL A 122 -2.92 2.04 11.21
CA VAL A 122 -4.06 1.36 10.62
C VAL A 122 -5.30 1.99 11.25
N HIS A 123 -6.20 2.51 10.42
CA HIS A 123 -7.39 3.19 10.95
C HIS A 123 -8.63 2.78 10.17
N SER A 124 -9.71 2.62 10.89
CA SER A 124 -11.04 2.41 10.35
C SER A 124 -11.96 3.40 11.05
N LYS A 125 -13.22 3.46 10.63
CA LYS A 125 -14.12 4.48 11.16
C LYS A 125 -14.29 4.33 12.68
N ASN A 126 -14.59 3.12 13.14
CA ASN A 126 -14.81 2.87 14.57
C ASN A 126 -13.56 2.45 15.33
N GLY A 127 -12.46 2.18 14.65
CA GLY A 127 -11.30 1.61 15.32
C GLY A 127 -11.65 0.35 16.09
N ARG A 128 -12.44 -0.52 15.48
CA ARG A 128 -13.04 -1.65 16.18
C ARG A 128 -12.91 -2.96 15.41
N SER A 129 -13.26 -2.94 14.12
CA SER A 129 -13.36 -4.16 13.32
C SER A 129 -12.30 -4.19 12.22
N ARG A 130 -12.42 -3.33 11.21
CA ARG A 130 -11.54 -3.47 10.06
C ARG A 130 -10.09 -3.19 10.42
N SER A 131 -9.86 -2.13 11.20
CA SER A 131 -8.50 -1.80 11.56
C SER A 131 -7.93 -2.81 12.55
N ALA A 132 -8.78 -3.37 13.41
CA ALA A 132 -8.31 -4.38 14.34
C ALA A 132 -7.86 -5.62 13.60
N ALA A 133 -8.69 -6.10 12.67
CA ALA A 133 -8.37 -7.33 11.96
C ALA A 133 -7.10 -7.18 11.15
N VAL A 134 -6.85 -5.99 10.60
CA VAL A 134 -5.60 -5.83 9.86
C VAL A 134 -4.42 -5.82 10.82
N CYS A 135 -4.59 -5.22 11.99
CA CYS A 135 -3.50 -5.24 12.98
C CYS A 135 -3.17 -6.66 13.41
N THR A 136 -4.20 -7.45 13.71
CA THR A 136 -4.00 -8.86 14.00
C THR A 136 -3.23 -9.54 12.87
N ALA A 137 -3.74 -9.43 11.64
CA ALA A 137 -3.11 -10.10 10.50
C ALA A 137 -1.64 -9.78 10.42
N TYR A 138 -1.30 -8.50 10.52
CA TYR A 138 0.08 -8.08 10.39
C TYR A 138 0.95 -8.71 11.46
N LEU A 139 0.42 -8.83 12.68
CA LEU A 139 1.26 -9.38 13.73
C LEU A 139 1.55 -10.83 13.47
N MET A 140 0.54 -11.57 13.03
CA MET A 140 0.71 -12.97 12.68
C MET A 140 1.70 -13.11 11.54
N ARG A 141 1.54 -12.30 10.49
CA ARG A 141 2.28 -12.52 9.25
C ARG A 141 3.76 -12.18 9.39
N HIS A 142 4.09 -11.12 10.12
CA HIS A 142 5.40 -10.51 10.07
C HIS A 142 6.10 -10.42 11.42
N ARG A 143 5.39 -10.67 12.52
CA ARG A 143 6.01 -10.82 13.84
C ARG A 143 5.75 -12.22 14.39
N GLY A 144 5.43 -13.17 13.52
CA GLY A 144 5.32 -14.59 13.84
C GLY A 144 4.44 -14.94 15.02
N LEU A 145 3.57 -14.03 15.44
CA LEU A 145 2.66 -14.34 16.53
C LEU A 145 1.51 -15.22 16.09
N SER A 146 0.98 -15.98 17.04
CA SER A 146 -0.21 -16.75 16.78
C SER A 146 -1.43 -15.83 16.76
N LEU A 147 -2.58 -16.39 16.38
CA LEU A 147 -3.78 -15.57 16.34
C LEU A 147 -4.33 -15.33 17.75
N ALA A 148 -4.01 -16.19 18.69
CA ALA A 148 -4.38 -15.91 20.07
C ALA A 148 -3.58 -14.75 20.63
N LYS A 149 -2.28 -14.72 20.34
CA LYS A 149 -1.46 -13.65 20.92
C LYS A 149 -1.65 -12.34 20.16
N ALA A 150 -1.70 -12.40 18.83
CA ALA A 150 -1.82 -11.18 18.07
C ALA A 150 -3.10 -10.44 18.43
N PHE A 151 -4.22 -11.13 18.46
CA PHE A 151 -5.45 -10.41 18.79
C PHE A 151 -5.41 -9.89 20.22
N GLN A 152 -4.80 -10.65 21.14
CA GLN A 152 -4.71 -10.21 22.52
C GLN A 152 -4.04 -8.86 22.63
N MET A 153 -2.88 -8.70 21.97
CA MET A 153 -2.24 -7.40 21.91
C MET A 153 -3.19 -6.32 21.38
N VAL A 154 -3.96 -6.63 20.35
CA VAL A 154 -4.86 -5.62 19.81
C VAL A 154 -5.94 -5.29 20.81
N LYS A 155 -6.67 -6.32 21.28
CA LYS A 155 -7.69 -6.09 22.30
C LYS A 155 -7.12 -5.34 23.49
N SER A 156 -5.92 -5.71 23.91
CA SER A 156 -5.38 -5.11 25.12
C SER A 156 -5.08 -3.63 24.95
N ALA A 157 -4.69 -3.21 23.74
CA ALA A 157 -4.46 -1.79 23.48
C ALA A 157 -5.73 -1.05 23.14
N ARG A 158 -6.70 -1.76 22.57
CA ARG A 158 -7.99 -1.19 22.15
C ARG A 158 -9.07 -2.11 22.68
N PRO A 159 -9.47 -1.95 23.94
CA PRO A 159 -10.42 -2.87 24.57
C PRO A 159 -11.73 -3.11 23.81
N VAL A 160 -12.19 -2.16 22.98
CA VAL A 160 -13.40 -2.41 22.20
C VAL A 160 -13.15 -3.22 20.93
N ALA A 161 -11.89 -3.49 20.59
CA ALA A 161 -11.58 -4.15 19.33
C ALA A 161 -12.38 -5.43 19.17
N GLU A 162 -12.98 -5.59 17.99
CA GLU A 162 -13.77 -6.77 17.71
C GLU A 162 -14.06 -6.90 16.22
N PRO A 163 -13.20 -7.56 15.46
CA PRO A 163 -13.52 -7.83 14.06
C PRO A 163 -14.86 -8.55 13.99
N ASN A 164 -15.63 -8.24 12.95
CA ASN A 164 -16.91 -8.90 12.81
C ASN A 164 -16.68 -10.38 12.51
N PRO A 165 -17.71 -11.23 12.71
CA PRO A 165 -17.48 -12.67 12.61
C PRO A 165 -16.90 -13.10 11.26
N GLY A 166 -17.30 -12.44 10.17
CA GLY A 166 -16.72 -12.75 8.87
C GLY A 166 -15.22 -12.48 8.84
N PHE A 167 -14.80 -11.35 9.40
CA PHE A 167 -13.38 -11.04 9.51
C PHE A 167 -12.67 -12.00 10.47
N TRP A 168 -13.38 -12.49 11.49
CA TRP A 168 -12.72 -13.42 12.39
C TRP A 168 -12.50 -14.76 11.69
N SER A 169 -13.49 -15.22 10.93
CA SER A 169 -13.32 -16.46 10.17
C SER A 169 -12.14 -16.34 9.21
N GLN A 170 -12.09 -15.25 8.45
CA GLN A 170 -10.98 -15.03 7.53
C GLN A 170 -9.65 -15.02 8.27
N LEU A 171 -9.59 -14.40 9.45
CA LEU A 171 -8.37 -14.44 10.24
C LEU A 171 -8.01 -15.87 10.62
N GLN A 172 -8.99 -16.62 11.13
CA GLN A 172 -8.74 -18.04 11.41
C GLN A 172 -8.21 -18.75 10.18
N LYS A 173 -8.81 -18.51 9.02
CA LYS A 173 -8.34 -19.09 7.77
C LYS A 173 -6.90 -18.66 7.47
N TYR A 174 -6.57 -17.41 7.79
CA TYR A 174 -5.23 -16.89 7.53
C TYR A 174 -4.18 -17.57 8.41
N GLU A 175 -4.53 -17.84 9.67
CA GLU A 175 -3.57 -18.50 10.56
C GLU A 175 -3.27 -19.91 10.08
N GLU A 176 -4.27 -20.62 9.56
CA GLU A 176 -4.07 -21.95 8.99
C GLU A 176 -3.18 -21.91 7.76
N ALA A 177 -3.42 -20.95 6.87
CA ALA A 177 -2.56 -20.81 5.71
C ALA A 177 -1.12 -20.52 6.12
N LEU A 178 -0.93 -19.77 7.20
CA LEU A 178 0.42 -19.41 7.64
C LEU A 178 1.09 -20.55 8.39
N GLN A 179 0.33 -21.35 9.15
CA GLN A 179 0.93 -22.49 9.85
C GLN A 179 1.31 -23.61 8.90
N ALA A 180 0.63 -23.70 7.75
CA ALA A 180 1.02 -24.65 6.73
C ALA A 180 2.25 -24.16 5.96
N GLN A 181 2.19 -22.94 5.43
CA GLN A 181 3.40 -22.31 4.87
C GLN A 181 4.39 -21.94 5.98
N PRO B 37 -11.40 5.88 -23.26
CA PRO B 37 -10.29 5.96 -22.30
C PRO B 37 -9.02 5.34 -22.86
N PRO B 38 -7.86 5.95 -22.63
CA PRO B 38 -6.62 5.36 -23.09
C PRO B 38 -6.42 3.99 -22.46
N PRO B 39 -5.74 3.09 -23.16
CA PRO B 39 -5.60 1.73 -22.62
C PRO B 39 -4.63 1.74 -21.45
N LEU B 40 -4.65 0.65 -20.71
CA LEU B 40 -3.52 0.33 -19.88
C LEU B 40 -2.44 -0.28 -20.77
N VAL B 41 -1.20 -0.04 -20.41
CA VAL B 41 -0.08 -0.66 -21.10
C VAL B 41 0.52 -1.69 -20.18
N ARG B 42 0.62 -2.93 -20.66
CA ARG B 42 1.28 -3.98 -19.89
C ARG B 42 2.78 -3.83 -20.05
N VAL B 43 3.46 -3.50 -18.96
CA VAL B 43 4.91 -3.29 -18.98
C VAL B 43 5.65 -4.62 -18.94
N ALA B 44 5.09 -5.59 -18.23
CA ALA B 44 5.74 -6.86 -17.88
C ALA B 44 4.63 -7.70 -17.27
N PRO B 45 4.80 -9.00 -17.13
CA PRO B 45 3.69 -9.80 -16.57
C PRO B 45 3.29 -9.30 -15.20
N SER B 46 1.99 -9.13 -15.00
CA SER B 46 1.37 -8.62 -13.79
C SER B 46 1.75 -7.18 -13.47
N LEU B 47 2.30 -6.43 -14.42
CA LEU B 47 2.70 -5.04 -14.21
C LEU B 47 2.12 -4.15 -15.30
N PHE B 48 1.30 -3.18 -14.91
CA PHE B 48 0.74 -2.23 -15.87
C PHE B 48 1.12 -0.81 -15.53
N LEU B 49 1.16 0.02 -16.56
CA LEU B 49 1.32 1.46 -16.44
C LEU B 49 0.13 2.14 -17.13
N GLY B 50 -0.26 3.29 -16.61
CA GLY B 50 -1.35 4.03 -17.20
C GLY B 50 -1.29 5.49 -16.82
N SER B 51 -2.04 6.29 -17.57
CA SER B 51 -2.31 7.66 -17.21
C SER B 51 -3.52 7.69 -16.29
N ALA B 52 -3.87 8.89 -15.82
CA ALA B 52 -4.82 9.01 -14.72
C ALA B 52 -6.20 8.50 -15.11
N ARG B 53 -6.66 8.87 -16.31
CA ARG B 53 -7.99 8.46 -16.74
C ARG B 53 -8.05 6.95 -16.95
N ALA B 54 -6.92 6.33 -17.34
CA ALA B 54 -6.89 4.88 -17.53
C ALA B 54 -7.17 4.12 -16.23
N ALA B 55 -6.89 4.72 -15.07
CA ALA B 55 -7.18 4.10 -13.78
C ALA B 55 -8.64 4.20 -13.37
N GLY B 56 -9.46 4.92 -14.14
CA GLY B 56 -10.86 5.11 -13.83
C GLY B 56 -11.76 4.03 -14.41
N ALA B 57 -11.36 3.46 -15.55
CA ALA B 57 -12.12 2.40 -16.20
C ALA B 57 -12.14 1.11 -15.38
N GLU B 58 -13.24 0.87 -14.67
CA GLU B 58 -13.32 -0.30 -13.80
C GLU B 58 -13.17 -1.59 -14.58
N GLU B 59 -13.61 -1.60 -15.84
CA GLU B 59 -13.71 -2.83 -16.63
C GLU B 59 -12.36 -3.27 -17.19
N GLN B 60 -11.55 -2.31 -17.63
CA GLN B 60 -10.18 -2.60 -18.02
C GLN B 60 -9.44 -3.33 -16.90
N LEU B 61 -9.40 -2.71 -15.71
CA LEU B 61 -8.66 -3.27 -14.58
C LEU B 61 -9.14 -4.65 -14.21
N ALA B 62 -10.45 -4.88 -14.29
CA ALA B 62 -10.95 -6.24 -14.09
C ALA B 62 -10.47 -7.15 -15.21
N ARG B 63 -10.43 -6.64 -16.44
CA ARG B 63 -9.92 -7.44 -17.54
C ARG B 63 -8.45 -7.72 -17.35
N ALA B 64 -7.70 -6.75 -16.86
CA ALA B 64 -6.26 -6.92 -16.65
C ALA B 64 -5.91 -7.69 -15.38
N GLY B 65 -6.89 -8.04 -14.54
CA GLY B 65 -6.60 -8.69 -13.29
C GLY B 65 -5.94 -7.80 -12.27
N VAL B 66 -6.18 -6.49 -12.31
CA VAL B 66 -5.46 -5.58 -11.45
C VAL B 66 -6.09 -5.63 -10.06
N THR B 67 -5.27 -5.96 -9.06
CA THR B 67 -5.68 -5.96 -7.67
C THR B 67 -5.11 -4.81 -6.84
N LEU B 68 -4.02 -4.17 -7.27
CA LEU B 68 -3.45 -3.06 -6.54
C LEU B 68 -3.16 -1.93 -7.51
N CYS B 69 -3.65 -0.72 -7.18
CA CYS B 69 -3.34 0.49 -7.95
C CYS B 69 -2.36 1.32 -7.15
N VAL B 70 -1.24 1.66 -7.76
CA VAL B 70 -0.28 2.59 -7.18
C VAL B 70 -0.54 3.94 -7.85
N ASN B 71 -1.03 4.89 -7.06
CA ASN B 71 -1.40 6.21 -7.54
C ASN B 71 -0.27 7.17 -7.15
N VAL B 72 0.62 7.47 -8.09
CA VAL B 72 1.80 8.30 -7.80
C VAL B 72 1.41 9.74 -8.12
N SER B 73 0.70 10.37 -7.20
CA SER B 73 0.25 11.76 -7.39
C SER B 73 -0.18 12.31 -6.03
N ARG B 74 -0.48 13.61 -6.00
CA ARG B 74 -1.09 14.19 -4.82
C ARG B 74 -2.58 14.48 -4.96
N GLN B 75 -3.10 14.60 -6.20
CA GLN B 75 -4.51 14.97 -6.31
C GLN B 75 -5.35 14.05 -7.20
N GLN B 76 -4.75 13.44 -8.22
CA GLN B 76 -5.51 12.61 -9.14
C GLN B 76 -6.32 11.57 -8.35
N PRO B 77 -7.64 11.45 -8.60
CA PRO B 77 -8.41 10.43 -7.90
C PRO B 77 -8.14 9.06 -8.50
N GLY B 78 -8.11 8.06 -7.65
CA GLY B 78 -7.69 6.74 -8.04
C GLY B 78 -8.85 5.81 -8.37
N PRO B 79 -8.58 4.50 -8.35
CA PRO B 79 -9.61 3.54 -8.75
C PRO B 79 -10.82 3.62 -7.83
N GLN B 80 -11.99 3.42 -8.42
CA GLN B 80 -13.22 3.18 -7.68
C GLN B 80 -13.59 1.72 -7.69
N ALA B 81 -12.83 0.88 -8.40
CA ALA B 81 -13.27 -0.47 -8.71
C ALA B 81 -13.50 -1.24 -7.42
N PRO B 82 -14.62 -1.96 -7.31
CA PRO B 82 -14.81 -2.82 -6.13
C PRO B 82 -13.64 -3.80 -6.01
N GLY B 83 -13.05 -3.83 -4.82
CA GLY B 83 -12.01 -4.81 -4.56
C GLY B 83 -10.67 -4.50 -5.17
N VAL B 84 -10.39 -3.26 -5.54
CA VAL B 84 -9.06 -2.88 -5.99
C VAL B 84 -8.47 -1.93 -4.95
N ALA B 85 -7.42 -2.40 -4.28
CA ALA B 85 -6.73 -1.61 -3.27
C ALA B 85 -5.92 -0.49 -3.91
N GLU B 86 -5.69 0.58 -3.16
CA GLU B 86 -4.96 1.71 -3.70
C GLU B 86 -3.86 2.16 -2.74
N LEU B 87 -2.65 2.30 -3.28
CA LEU B 87 -1.53 2.88 -2.56
C LEU B 87 -1.20 4.22 -3.20
N ARG B 88 -1.27 5.29 -2.42
CA ARG B 88 -0.99 6.63 -2.89
C ARG B 88 0.44 7.05 -2.53
N VAL B 89 1.25 7.28 -3.54
CA VAL B 89 2.60 7.79 -3.37
C VAL B 89 2.55 9.27 -3.69
N PRO B 90 2.41 10.14 -2.66
CA PRO B 90 2.03 11.53 -2.91
C PRO B 90 3.21 12.40 -3.32
N VAL B 91 3.39 12.56 -4.63
CA VAL B 91 4.47 13.39 -5.16
C VAL B 91 3.94 14.17 -6.36
N PHE B 92 4.42 15.40 -6.50
CA PHE B 92 4.27 16.10 -7.76
C PHE B 92 5.33 15.61 -8.73
N ASP B 93 5.02 15.71 -10.03
CA ASP B 93 6.00 15.41 -11.08
C ASP B 93 7.03 16.54 -11.06
N ASP B 94 8.01 16.41 -10.17
CA ASP B 94 8.86 17.55 -9.87
C ASP B 94 10.21 17.11 -9.32
N PRO B 95 11.31 17.51 -9.95
CA PRO B 95 12.64 17.06 -9.50
C PRO B 95 12.98 17.44 -8.07
N ALA B 96 12.20 18.30 -7.43
CA ALA B 96 12.48 18.62 -6.04
C ALA B 96 12.01 17.52 -5.11
N GLU B 97 10.89 16.88 -5.41
CA GLU B 97 10.26 16.02 -4.43
C GLU B 97 11.02 14.71 -4.28
N ASP B 98 10.82 14.08 -3.12
CA ASP B 98 11.59 12.90 -2.71
C ASP B 98 10.76 11.66 -3.00
N LEU B 99 10.90 11.14 -4.23
CA LEU B 99 10.31 9.85 -4.58
C LEU B 99 11.19 8.68 -4.14
N LEU B 100 12.48 8.95 -3.89
CA LEU B 100 13.38 7.91 -3.43
C LEU B 100 12.92 7.31 -2.11
N ALA B 101 12.38 8.15 -1.21
CA ALA B 101 11.93 7.66 0.09
C ALA B 101 10.95 6.49 -0.06
N HIS B 102 10.03 6.58 -1.02
CA HIS B 102 8.89 5.68 -1.12
C HIS B 102 9.13 4.44 -1.96
N LEU B 103 10.29 4.30 -2.61
CA LEU B 103 10.46 3.22 -3.57
C LEU B 103 10.36 1.85 -2.90
N GLU B 104 11.25 1.58 -1.94
CA GLU B 104 11.28 0.26 -1.30
C GLU B 104 9.95 -0.10 -0.65
N PRO B 105 9.27 0.78 0.10
CA PRO B 105 7.95 0.39 0.62
C PRO B 105 6.90 0.23 -0.47
N THR B 106 6.94 1.02 -1.54
CA THR B 106 5.97 0.86 -2.63
C THR B 106 6.21 -0.44 -3.38
N CYS B 107 7.49 -0.77 -3.65
CA CYS B 107 7.85 -1.98 -4.38
C CYS B 107 7.52 -3.24 -3.59
N ALA B 108 7.72 -3.20 -2.28
CA ALA B 108 7.32 -4.34 -1.46
C ALA B 108 5.83 -4.60 -1.59
N ALA B 109 5.02 -3.54 -1.50
CA ALA B 109 3.58 -3.70 -1.67
C ALA B 109 3.25 -4.35 -3.01
N MET B 110 3.87 -3.85 -4.09
CA MET B 110 3.53 -4.35 -5.42
C MET B 110 3.91 -5.81 -5.58
N GLU B 111 5.15 -6.15 -5.18
CA GLU B 111 5.63 -7.53 -5.30
C GLU B 111 4.74 -8.49 -4.51
N ALA B 112 4.32 -8.07 -3.31
CA ALA B 112 3.37 -8.86 -2.56
C ALA B 112 2.08 -9.07 -3.31
N ALA B 113 1.59 -8.01 -3.97
CA ALA B 113 0.33 -8.16 -4.68
C ALA B 113 0.47 -9.15 -5.83
N VAL B 114 1.65 -9.20 -6.44
CA VAL B 114 1.88 -10.09 -7.57
C VAL B 114 2.11 -11.51 -7.09
N ARG B 115 2.93 -11.68 -6.06
CA ARG B 115 3.16 -13.02 -5.54
C ARG B 115 1.89 -13.66 -4.97
N ALA B 116 0.88 -12.86 -4.64
CA ALA B 116 -0.37 -13.43 -4.15
C ALA B 116 -1.37 -13.71 -5.27
N GLY B 117 -1.01 -13.48 -6.53
CA GLY B 117 -1.90 -13.80 -7.64
C GLY B 117 -2.49 -12.61 -8.36
N GLY B 118 -2.26 -11.39 -7.89
CA GLY B 118 -2.79 -10.21 -8.53
C GLY B 118 -1.83 -9.55 -9.49
N ALA B 119 -2.12 -8.30 -9.80
CA ALA B 119 -1.33 -7.52 -10.73
C ALA B 119 -1.43 -6.06 -10.31
N CYS B 120 -0.48 -5.25 -10.77
CA CYS B 120 -0.37 -3.88 -10.32
C CYS B 120 -0.56 -2.92 -11.47
N LEU B 121 -1.25 -1.83 -11.21
CA LEU B 121 -1.33 -0.72 -12.14
C LEU B 121 -0.65 0.46 -11.46
N VAL B 122 0.39 0.98 -12.09
CA VAL B 122 1.06 2.18 -11.64
C VAL B 122 0.60 3.31 -12.54
N HIS B 123 0.00 4.35 -11.97
CA HIS B 123 -0.47 5.46 -12.78
C HIS B 123 -0.09 6.81 -12.19
N SER B 124 0.07 7.77 -13.08
CA SER B 124 0.24 9.19 -12.77
C SER B 124 -0.67 9.95 -13.72
N LYS B 125 -0.60 11.28 -13.73
CA LYS B 125 -1.50 12.07 -14.58
C LYS B 125 -1.25 11.82 -16.06
N ASN B 126 0.01 11.83 -16.47
CA ASN B 126 0.36 11.65 -17.87
C ASN B 126 0.85 10.24 -18.20
N GLY B 127 1.05 9.38 -17.20
CA GLY B 127 1.67 8.10 -17.48
C GLY B 127 3.02 8.25 -18.15
N ARG B 128 3.82 9.18 -17.68
CA ARG B 128 5.05 9.49 -18.39
C ARG B 128 6.27 9.59 -17.47
N SER B 129 6.11 10.16 -16.28
CA SER B 129 7.23 10.42 -15.39
C SER B 129 7.10 9.65 -14.08
N ARG B 130 6.19 10.05 -13.19
CA ARG B 130 6.10 9.42 -11.88
C ARG B 130 5.86 7.92 -12.00
N SER B 131 4.81 7.54 -12.74
CA SER B 131 4.50 6.12 -12.92
C SER B 131 5.61 5.39 -13.67
N ALA B 132 6.28 6.06 -14.59
CA ALA B 132 7.44 5.45 -15.23
C ALA B 132 8.54 5.21 -14.21
N ALA B 133 8.71 6.14 -13.27
CA ALA B 133 9.79 5.99 -12.29
C ALA B 133 9.55 4.80 -11.36
N VAL B 134 8.30 4.65 -10.89
CA VAL B 134 8.00 3.56 -9.97
C VAL B 134 8.08 2.21 -10.68
N CYS B 135 7.59 2.13 -11.91
CA CYS B 135 7.66 0.87 -12.65
C CYS B 135 9.09 0.38 -12.80
N THR B 136 10.02 1.26 -13.20
CA THR B 136 11.41 0.82 -13.35
C THR B 136 12.02 0.50 -11.98
N ALA B 137 11.70 1.31 -10.96
CA ALA B 137 12.14 0.96 -9.62
C ALA B 137 11.70 -0.45 -9.24
N TYR B 138 10.42 -0.76 -9.51
CA TYR B 138 9.92 -2.12 -9.27
C TYR B 138 10.75 -3.16 -10.04
N LEU B 139 11.04 -2.90 -11.32
CA LEU B 139 11.71 -3.93 -12.10
C LEU B 139 13.14 -4.17 -11.64
N MET B 140 13.83 -3.12 -11.18
CA MET B 140 15.17 -3.29 -10.60
C MET B 140 15.10 -4.06 -9.29
N ARG B 141 14.15 -3.69 -8.44
CA ARG B 141 14.08 -4.26 -7.10
C ARG B 141 13.62 -5.71 -7.12
N HIS B 142 12.65 -6.06 -7.97
CA HIS B 142 12.07 -7.38 -7.88
C HIS B 142 12.17 -8.23 -9.14
N ARG B 143 12.61 -7.68 -10.26
CA ARG B 143 12.87 -8.50 -11.43
C ARG B 143 14.36 -8.44 -11.81
N GLY B 144 15.18 -7.92 -10.92
CA GLY B 144 16.62 -8.01 -11.06
C GLY B 144 17.14 -7.47 -12.36
N LEU B 145 16.69 -6.30 -12.74
CA LEU B 145 17.24 -5.61 -13.90
C LEU B 145 18.10 -4.45 -13.42
N SER B 146 19.05 -4.07 -14.27
CA SER B 146 19.70 -2.79 -14.09
C SER B 146 18.74 -1.67 -14.49
N LEU B 147 19.03 -0.47 -14.00
CA LEU B 147 18.20 0.67 -14.36
C LEU B 147 18.06 0.78 -15.87
N ALA B 148 19.13 0.49 -16.62
CA ALA B 148 19.07 0.60 -18.06
C ALA B 148 18.12 -0.44 -18.67
N LYS B 149 18.34 -1.73 -18.36
CA LYS B 149 17.46 -2.75 -18.90
C LYS B 149 16.02 -2.53 -18.45
N ALA B 150 15.82 -2.26 -17.16
CA ALA B 150 14.48 -2.06 -16.62
C ALA B 150 13.75 -0.96 -17.35
N PHE B 151 14.44 0.17 -17.55
CA PHE B 151 13.82 1.34 -18.16
C PHE B 151 13.58 1.11 -19.65
N GLN B 152 14.49 0.38 -20.30
CA GLN B 152 14.21 -0.01 -21.68
C GLN B 152 12.94 -0.86 -21.74
N MET B 153 12.69 -1.67 -20.71
CA MET B 153 11.47 -2.46 -20.67
C MET B 153 10.23 -1.58 -20.55
N VAL B 154 10.30 -0.52 -19.73
CA VAL B 154 9.17 0.40 -19.58
C VAL B 154 8.94 1.20 -20.86
N LYS B 155 10.03 1.62 -21.49
CA LYS B 155 9.96 2.38 -22.73
C LYS B 155 9.33 1.59 -23.85
N SER B 156 9.80 0.36 -24.04
CA SER B 156 9.21 -0.47 -25.08
C SER B 156 7.71 -0.56 -24.91
N ALA B 157 7.25 -0.70 -23.66
CA ALA B 157 5.81 -0.70 -23.44
C ALA B 157 5.23 0.69 -23.62
N ARG B 158 5.95 1.72 -23.17
CA ARG B 158 5.42 3.09 -23.10
C ARG B 158 6.46 4.04 -23.67
N PRO B 159 6.42 4.29 -24.98
CA PRO B 159 7.47 5.11 -25.61
C PRO B 159 7.65 6.47 -25.00
N VAL B 160 6.57 7.13 -24.56
CA VAL B 160 6.71 8.46 -23.99
C VAL B 160 7.32 8.45 -22.59
N ALA B 161 7.73 7.28 -22.08
CA ALA B 161 8.26 7.23 -20.72
C ALA B 161 9.46 8.16 -20.59
N GLU B 162 9.44 8.99 -19.57
CA GLU B 162 10.48 9.97 -19.38
C GLU B 162 10.41 10.53 -17.97
N PRO B 163 11.05 9.89 -17.00
CA PRO B 163 11.11 10.48 -15.66
C PRO B 163 11.83 11.81 -15.76
N ASN B 164 11.35 12.80 -15.02
CA ASN B 164 12.03 14.07 -15.02
C ASN B 164 13.44 13.87 -14.49
N PRO B 165 14.36 14.80 -14.76
CA PRO B 165 15.76 14.54 -14.44
C PRO B 165 16.02 14.33 -12.95
N GLY B 166 15.19 14.90 -12.07
CA GLY B 166 15.37 14.66 -10.66
C GLY B 166 15.09 13.22 -10.30
N PHE B 167 13.93 12.70 -10.73
CA PHE B 167 13.63 11.30 -10.47
C PHE B 167 14.71 10.41 -11.08
N TRP B 168 15.09 10.68 -12.33
CA TRP B 168 16.07 9.82 -13.00
C TRP B 168 17.33 9.65 -12.16
N SER B 169 17.75 10.73 -11.48
CA SER B 169 18.91 10.60 -10.61
C SER B 169 18.57 9.85 -9.33
N GLN B 170 17.35 10.04 -8.80
CA GLN B 170 16.94 9.26 -7.65
C GLN B 170 16.93 7.77 -7.97
N LEU B 171 16.59 7.39 -9.20
CA LEU B 171 16.61 5.97 -9.56
C LEU B 171 18.02 5.42 -9.58
N GLN B 172 19.00 6.21 -10.05
CA GLN B 172 20.39 5.78 -9.98
C GLN B 172 20.83 5.53 -8.55
N LYS B 173 20.37 6.38 -7.61
CA LYS B 173 20.67 6.14 -6.20
C LYS B 173 20.02 4.86 -5.72
N TYR B 174 18.77 4.62 -6.12
CA TYR B 174 18.13 3.34 -5.83
C TYR B 174 19.01 2.19 -6.33
N GLU B 175 19.45 2.28 -7.59
CA GLU B 175 20.31 1.25 -8.15
C GLU B 175 21.59 1.09 -7.34
N GLU B 176 22.24 2.21 -7.02
CA GLU B 176 23.39 2.23 -6.12
C GLU B 176 23.11 1.41 -4.87
N ALA B 177 22.04 1.77 -4.16
CA ALA B 177 21.71 1.09 -2.91
C ALA B 177 21.38 -0.37 -3.15
N LEU B 178 20.66 -0.68 -4.23
CA LEU B 178 20.35 -2.08 -4.54
C LEU B 178 21.62 -2.87 -4.77
N GLN B 179 22.52 -2.33 -5.58
CA GLN B 179 23.83 -2.95 -5.81
C GLN B 179 24.52 -3.29 -4.48
N ALA B 180 24.50 -2.36 -3.53
CA ALA B 180 25.23 -2.55 -2.28
C ALA B 180 24.58 -3.63 -1.41
N GLN B 181 23.26 -3.74 -1.45
CA GLN B 181 22.61 -4.84 -0.75
C GLN B 181 22.86 -6.16 -1.46
N SER B 182 23.03 -6.13 -2.78
CA SER B 182 23.08 -7.31 -3.64
C SER B 182 24.51 -7.83 -3.77
P PO4 C . -14.82 -0.46 12.01
O1 PO4 C . -13.64 -0.28 12.94
O2 PO4 C . -15.96 -1.11 12.76
O3 PO4 C . -14.51 -1.37 10.85
O4 PO4 C . -15.15 0.93 11.52
CL CL D . -16.44 2.58 4.42
P PO4 E . 3.41 12.36 -14.77
O1 PO4 E . 4.30 12.07 -13.58
O2 PO4 E . 3.14 11.09 -15.55
O3 PO4 E . 4.13 13.32 -15.68
O4 PO4 E . 2.09 12.94 -14.30
CL CL F . 15.61 9.27 -20.37
CL CL G . 21.75 -6.80 -12.62
#